data_1QPG
#
_entry.id   1QPG
#
_cell.length_a   96.000
_cell.length_b   70.100
_cell.length_c   82.300
_cell.angle_alpha   90.00
_cell.angle_beta   122.20
_cell.angle_gamma   90.00
#
_symmetry.space_group_name_H-M   'C 1 2 1'
#
loop_
_entity.id
_entity.type
_entity.pdbx_description
1 polymer '3-PHOSPHOGLYCERATE KINASE'
2 non-polymer "MAGNESIUM-5'-ADENYLY-IMIDO-TRIPHOSPHATE"
3 non-polymer '3-PHOSPHOGLYCERIC ACID'
4 water water
#
_entity_poly.entity_id   1
_entity_poly.type   'polypeptide(L)'
_entity_poly.pdbx_seq_one_letter_code
;SLSSKLSVQDLDLKDKRVFIRVDFNVPLDGKKITSNQRIVAALPTIKYVLEHHPRYVVLASHLGQPNGERNEKYSLAPVA
KELQSLLGKDVTFLNDCVGPEVEAAVKASAPGSVILLENLRYHIEEEGSRKVDGQKVKASKEDVQKFRHELSSLADVYIN
DAFGTAHRAHSSMVGFDLPQRAAGFLLEKELKYFGKALENPTRPFLAILGGAKVADKIQLIDNLLDKVDSIIIGGGMAFT
FKKVLENTEIGDSIFDKAGAEIVPKLMEKAKAKGVEVVLPVDFIIADAFSADANTKTVTDKEGIPAGWQGLDNGPESRKL
FAATVAKAKTIVWNGPPGVFEFEKFAAGTKALLDEVVKSSAAGNTVIIGGGDTATVAKKYGVTDKISHVSTGGGASLELL
EGKELPGVAFLSEKK
;
_entity_poly.pdbx_strand_id   A
#
# COMPACT_ATOMS: atom_id res chain seq x y z
N SER A 1 -8.62 8.80 15.30
CA SER A 1 -8.32 9.54 14.04
C SER A 1 -6.90 9.24 13.59
N LEU A 2 -6.77 8.84 12.33
CA LEU A 2 -5.48 8.52 11.73
C LEU A 2 -4.60 9.75 11.75
N SER A 3 -5.24 10.91 11.80
CA SER A 3 -4.58 12.20 11.80
C SER A 3 -4.17 12.80 13.15
N SER A 4 -4.58 12.19 14.26
CA SER A 4 -4.24 12.74 15.58
C SER A 4 -2.91 12.26 16.18
N LYS A 5 -2.32 11.25 15.57
CA LYS A 5 -1.07 10.67 16.06
C LYS A 5 0.19 11.57 16.09
N LEU A 6 1.13 11.21 16.98
CA LEU A 6 2.38 11.93 17.17
C LEU A 6 3.33 11.78 15.97
N SER A 7 3.98 12.88 15.59
CA SER A 7 4.93 12.91 14.47
C SER A 7 6.41 13.04 14.94
N VAL A 8 7.35 12.52 14.13
CA VAL A 8 8.80 12.58 14.42
C VAL A 8 9.13 14.00 14.76
N GLN A 9 8.46 14.88 14.04
CA GLN A 9 8.57 16.32 14.12
C GLN A 9 8.24 16.92 15.49
N ASP A 10 7.63 16.14 16.38
CA ASP A 10 7.26 16.61 17.72
C ASP A 10 8.25 16.14 18.77
N LEU A 11 9.01 15.10 18.42
CA LEU A 11 9.98 14.50 19.33
C LEU A 11 11.22 15.34 19.62
N ASP A 12 11.72 15.19 20.84
CA ASP A 12 12.94 15.86 21.27
C ASP A 12 13.95 14.74 21.11
N LEU A 13 14.76 14.81 20.06
CA LEU A 13 15.72 13.77 19.75
C LEU A 13 17.15 13.90 20.28
N LYS A 14 17.54 15.11 20.67
CA LYS A 14 18.90 15.31 21.13
C LYS A 14 19.37 14.31 22.15
N ASP A 15 20.50 13.70 21.85
CA ASP A 15 21.11 12.72 22.72
C ASP A 15 20.18 11.58 23.09
N LYS A 16 19.18 11.34 22.27
CA LYS A 16 18.24 10.26 22.54
C LYS A 16 18.61 9.04 21.74
N ARG A 17 18.21 7.87 22.23
CA ARG A 17 18.47 6.62 21.52
C ARG A 17 17.20 6.36 20.68
N VAL A 18 17.26 6.74 19.40
CA VAL A 18 16.15 6.61 18.47
C VAL A 18 16.13 5.27 17.77
N PHE A 19 14.94 4.68 17.65
CA PHE A 19 14.77 3.40 16.96
C PHE A 19 13.75 3.69 15.88
N ILE A 20 14.05 3.29 14.65
CA ILE A 20 13.18 3.52 13.49
C ILE A 20 12.92 2.19 12.77
N ARG A 21 11.65 1.81 12.69
CA ARG A 21 11.26 0.58 11.99
C ARG A 21 10.97 1.10 10.58
N VAL A 22 11.79 0.68 9.62
CA VAL A 22 11.68 1.16 8.27
C VAL A 22 11.30 0.06 7.32
N ASP A 23 10.89 0.44 6.12
CA ASP A 23 10.54 -0.54 5.11
C ASP A 23 11.68 -0.67 4.09
N PHE A 24 12.63 -1.55 4.39
CA PHE A 24 13.76 -1.81 3.51
C PHE A 24 13.51 -3.19 2.88
N ASN A 25 12.25 -3.49 2.55
CA ASN A 25 11.93 -4.78 1.92
C ASN A 25 12.10 -4.66 0.40
N VAL A 26 13.33 -4.46 -0.04
CA VAL A 26 13.64 -4.31 -1.47
C VAL A 26 13.88 -5.64 -2.16
N PRO A 27 13.63 -5.67 -3.48
CA PRO A 27 13.80 -6.86 -4.33
C PRO A 27 15.27 -7.12 -4.55
N LEU A 28 15.68 -8.35 -4.31
CA LEU A 28 17.07 -8.74 -4.51
C LEU A 28 17.08 -9.81 -5.59
N ASP A 29 18.19 -9.89 -6.31
CA ASP A 29 18.37 -10.87 -7.35
C ASP A 29 19.82 -11.23 -7.18
N GLY A 30 20.08 -12.44 -6.70
CA GLY A 30 21.45 -12.89 -6.48
C GLY A 30 22.14 -11.98 -5.49
N LYS A 31 21.43 -11.67 -4.43
CA LYS A 31 21.96 -10.81 -3.39
C LYS A 31 22.33 -9.42 -3.85
N LYS A 32 21.48 -8.87 -4.71
CA LYS A 32 21.62 -7.50 -5.18
C LYS A 32 20.32 -6.83 -5.54
N ILE A 33 20.18 -5.64 -4.97
CA ILE A 33 19.01 -4.81 -5.07
C ILE A 33 18.61 -4.33 -6.45
N THR A 34 17.59 -4.98 -6.99
CA THR A 34 17.07 -4.63 -8.30
C THR A 34 16.38 -3.28 -8.22
N SER A 35 15.84 -2.94 -7.05
CA SER A 35 15.16 -1.67 -6.86
C SER A 35 15.44 -1.10 -5.48
N ASN A 36 16.03 0.10 -5.43
CA ASN A 36 16.36 0.74 -4.17
C ASN A 36 15.33 1.81 -3.83
N GLN A 37 14.18 1.75 -4.51
CA GLN A 37 13.16 2.75 -4.27
C GLN A 37 12.87 2.90 -2.79
N ARG A 38 12.63 1.78 -2.13
CA ARG A 38 12.31 1.79 -0.70
C ARG A 38 13.37 2.36 0.22
N ILE A 39 14.64 2.15 -0.12
CA ILE A 39 15.71 2.69 0.70
C ILE A 39 15.66 4.20 0.52
N VAL A 40 15.52 4.64 -0.73
CA VAL A 40 15.49 6.07 -1.05
C VAL A 40 14.33 6.78 -0.32
N ALA A 41 13.15 6.16 -0.33
CA ALA A 41 11.97 6.71 0.32
C ALA A 41 12.17 6.99 1.80
N ALA A 42 12.93 6.13 2.47
CA ALA A 42 13.20 6.23 3.90
C ALA A 42 14.14 7.31 4.37
N LEU A 43 14.89 7.90 3.45
CA LEU A 43 15.88 8.90 3.81
C LEU A 43 15.51 10.13 4.60
N PRO A 44 14.41 10.80 4.25
CA PRO A 44 14.01 12.01 4.97
C PRO A 44 13.95 11.89 6.48
N THR A 45 13.30 10.82 6.94
CA THR A 45 13.15 10.56 8.36
C THR A 45 14.53 10.37 8.96
N ILE A 46 15.29 9.45 8.38
CA ILE A 46 16.63 9.17 8.85
C ILE A 46 17.46 10.44 8.95
N LYS A 47 17.40 11.27 7.90
CA LYS A 47 18.15 12.52 7.87
C LYS A 47 17.67 13.58 8.86
N TYR A 48 16.36 13.70 9.03
CA TYR A 48 15.81 14.69 9.97
C TYR A 48 16.25 14.36 11.40
N VAL A 49 16.20 13.09 11.72
CA VAL A 49 16.59 12.62 13.04
C VAL A 49 18.04 12.96 13.29
N LEU A 50 18.91 12.52 12.37
CA LEU A 50 20.35 12.72 12.45
C LEU A 50 20.79 14.17 12.68
N GLU A 51 19.99 15.11 12.20
CA GLU A 51 20.30 16.53 12.34
C GLU A 51 20.07 17.03 13.75
N HIS A 52 19.38 16.25 14.56
CA HIS A 52 19.13 16.67 15.93
C HIS A 52 20.10 16.04 16.90
N HIS A 53 21.17 15.47 16.36
CA HIS A 53 22.24 14.86 17.12
C HIS A 53 21.81 13.82 18.15
N PRO A 54 21.16 12.74 17.72
CA PRO A 54 20.75 11.72 18.68
C PRO A 54 22.00 10.99 19.16
N ARG A 55 21.88 10.20 20.23
CA ARG A 55 23.02 9.44 20.74
C ARG A 55 23.39 8.40 19.66
N TYR A 56 22.36 7.93 18.96
CA TYR A 56 22.50 6.98 17.86
C TYR A 56 21.12 6.68 17.26
N VAL A 57 21.12 6.08 16.07
CA VAL A 57 19.90 5.72 15.35
C VAL A 57 19.94 4.26 14.96
N VAL A 58 19.04 3.46 15.52
CA VAL A 58 19.00 2.04 15.20
C VAL A 58 17.87 1.85 14.18
N LEU A 59 18.18 1.24 13.04
CA LEU A 59 17.20 0.99 11.99
C LEU A 59 16.96 -0.49 11.95
N ALA A 60 15.69 -0.89 11.86
CA ALA A 60 15.33 -2.31 11.78
C ALA A 60 14.23 -2.48 10.74
N SER A 61 14.19 -3.66 10.13
CA SER A 61 13.23 -3.99 9.09
C SER A 61 13.31 -5.48 8.80
N HIS A 62 12.48 -5.92 7.87
CA HIS A 62 12.47 -7.30 7.45
C HIS A 62 12.68 -7.29 5.94
N LEU A 63 12.94 -8.45 5.36
CA LEU A 63 13.14 -8.58 3.93
C LEU A 63 12.72 -9.98 3.52
N GLY A 64 11.92 -10.08 2.48
CA GLY A 64 11.47 -11.38 1.99
C GLY A 64 10.74 -12.15 3.07
N GLN A 65 10.73 -13.48 2.95
CA GLN A 65 10.07 -14.30 3.95
C GLN A 65 11.02 -15.37 4.50
N PRO A 66 11.94 -15.00 5.40
CA PRO A 66 12.91 -15.92 5.98
C PRO A 66 12.20 -17.05 6.73
N ASN A 67 11.05 -16.75 7.31
CA ASN A 67 10.24 -17.70 8.07
C ASN A 67 10.80 -18.01 9.47
N GLY A 68 11.20 -16.98 10.21
CA GLY A 68 11.72 -17.19 11.55
C GLY A 68 12.86 -18.19 11.63
N GLU A 69 13.78 -18.09 10.69
CA GLU A 69 14.92 -18.98 10.59
C GLU A 69 16.01 -18.16 9.91
N ARG A 70 17.26 -18.30 10.34
CA ARG A 70 18.36 -17.55 9.72
C ARG A 70 18.63 -18.07 8.32
N ASN A 71 18.21 -17.30 7.34
CA ASN A 71 18.41 -17.67 5.95
C ASN A 71 19.14 -16.57 5.21
N GLU A 72 20.37 -16.87 4.82
CA GLU A 72 21.23 -15.93 4.13
C GLU A 72 20.60 -15.26 2.90
N LYS A 73 19.69 -15.97 2.25
CA LYS A 73 19.02 -15.45 1.06
C LYS A 73 18.30 -14.13 1.30
N TYR A 74 17.88 -13.89 2.55
CA TYR A 74 17.15 -12.67 2.91
C TYR A 74 17.87 -11.78 3.92
N SER A 75 19.20 -11.75 3.82
CA SER A 75 20.01 -10.92 4.70
C SER A 75 19.91 -9.46 4.26
N LEU A 76 19.97 -8.55 5.22
CA LEU A 76 19.92 -7.12 4.94
C LEU A 76 21.32 -6.53 4.66
N ALA A 77 22.35 -7.38 4.61
CA ALA A 77 23.70 -6.89 4.37
C ALA A 77 23.80 -5.96 3.13
N PRO A 78 23.41 -6.43 1.93
CA PRO A 78 23.49 -5.53 0.77
C PRO A 78 22.84 -4.18 1.03
N VAL A 79 21.66 -4.20 1.65
CA VAL A 79 20.91 -2.98 1.94
C VAL A 79 21.76 -2.02 2.76
N ALA A 80 22.48 -2.55 3.73
CA ALA A 80 23.32 -1.73 4.59
C ALA A 80 24.31 -0.92 3.74
N LYS A 81 24.92 -1.58 2.76
CA LYS A 81 25.89 -0.92 1.88
C LYS A 81 25.28 0.15 0.96
N GLU A 82 24.12 -0.14 0.38
CA GLU A 82 23.43 0.83 -0.49
C GLU A 82 23.05 2.10 0.27
N LEU A 83 22.62 1.92 1.51
CA LEU A 83 22.21 3.04 2.36
C LEU A 83 23.38 3.93 2.70
N GLN A 84 24.53 3.31 3.02
CA GLN A 84 25.75 4.05 3.34
C GLN A 84 26.10 4.99 2.16
N SER A 85 26.02 4.46 0.93
CA SER A 85 26.28 5.22 -0.30
C SER A 85 25.24 6.34 -0.46
N LEU A 86 23.97 5.95 -0.44
CA LEU A 86 22.83 6.86 -0.58
C LEU A 86 22.71 7.93 0.53
N LEU A 87 23.11 7.56 1.73
CA LEU A 87 23.01 8.45 2.87
C LEU A 87 24.24 9.32 2.99
N GLY A 88 25.38 8.79 2.56
CA GLY A 88 26.60 9.55 2.67
C GLY A 88 27.03 9.61 4.12
N LYS A 89 26.93 8.47 4.79
CA LYS A 89 27.31 8.32 6.19
C LYS A 89 27.45 6.83 6.45
N ASP A 90 28.40 6.48 7.31
CA ASP A 90 28.68 5.09 7.65
C ASP A 90 27.50 4.41 8.33
N VAL A 91 27.31 3.14 8.00
CA VAL A 91 26.23 2.37 8.55
C VAL A 91 26.82 1.09 9.09
N THR A 92 26.68 0.91 10.40
CA THR A 92 27.18 -0.29 11.08
C THR A 92 26.13 -1.39 10.92
N PHE A 93 26.53 -2.56 10.46
CA PHE A 93 25.60 -3.64 10.28
C PHE A 93 25.84 -4.76 11.29
N LEU A 94 24.81 -5.08 12.06
CA LEU A 94 24.91 -6.12 13.06
C LEU A 94 24.20 -7.36 12.54
N ASN A 95 24.75 -8.53 12.87
CA ASN A 95 24.20 -9.80 12.43
C ASN A 95 22.92 -10.27 13.08
N ASP A 96 22.35 -9.44 13.95
CA ASP A 96 21.12 -9.80 14.63
C ASP A 96 20.40 -8.55 15.12
N CYS A 97 19.18 -8.72 15.63
CA CYS A 97 18.36 -7.62 16.13
C CYS A 97 18.26 -7.65 17.66
N VAL A 98 18.68 -8.77 18.24
CA VAL A 98 18.64 -8.96 19.69
C VAL A 98 19.87 -9.72 20.18
N GLY A 99 20.13 -9.65 21.47
CA GLY A 99 21.26 -10.37 22.02
C GLY A 99 22.34 -9.48 22.58
N PRO A 100 23.27 -10.07 23.33
CA PRO A 100 24.40 -9.39 23.97
C PRO A 100 25.33 -8.71 22.96
N GLU A 101 25.54 -9.39 21.84
CA GLU A 101 26.40 -8.89 20.75
C GLU A 101 25.82 -7.55 20.27
N VAL A 102 24.51 -7.52 20.06
CA VAL A 102 23.85 -6.31 19.62
C VAL A 102 23.98 -5.26 20.70
N GLU A 103 23.61 -5.62 21.93
CA GLU A 103 23.70 -4.72 23.08
C GLU A 103 25.06 -4.07 23.17
N ALA A 104 26.07 -4.92 23.08
CA ALA A 104 27.46 -4.51 23.16
C ALA A 104 27.78 -3.53 22.04
N ALA A 105 27.59 -3.98 20.81
CA ALA A 105 27.87 -3.18 19.64
C ALA A 105 27.17 -1.84 19.74
N VAL A 106 25.87 -1.90 20.00
CA VAL A 106 25.07 -0.71 20.11
C VAL A 106 25.64 0.23 21.18
N LYS A 107 25.95 -0.31 22.35
CA LYS A 107 26.49 0.47 23.47
C LYS A 107 27.83 1.14 23.21
N ALA A 108 28.67 0.48 22.40
CA ALA A 108 29.99 1.00 22.06
C ALA A 108 29.99 2.00 20.89
N SER A 109 28.81 2.29 20.34
CA SER A 109 28.70 3.19 19.20
C SER A 109 29.11 4.61 19.51
N ALA A 110 29.37 5.36 18.44
CA ALA A 110 29.74 6.75 18.52
C ALA A 110 28.47 7.58 18.39
N PRO A 111 28.45 8.78 18.94
CA PRO A 111 27.24 9.62 18.83
C PRO A 111 26.90 9.75 17.36
N GLY A 112 25.62 9.91 17.06
CA GLY A 112 25.21 10.06 15.68
C GLY A 112 25.37 8.85 14.81
N SER A 113 25.76 7.71 15.39
CA SER A 113 25.91 6.50 14.61
C SER A 113 24.60 5.99 14.02
N VAL A 114 24.69 5.27 12.90
CA VAL A 114 23.55 4.70 12.25
C VAL A 114 23.77 3.21 12.19
N ILE A 115 23.04 2.48 13.02
CA ILE A 115 23.17 1.04 13.07
C ILE A 115 21.98 0.48 12.35
N LEU A 116 22.21 -0.52 11.50
CA LEU A 116 21.14 -1.23 10.80
C LEU A 116 21.29 -2.66 11.34
N LEU A 117 20.21 -3.20 11.87
CA LEU A 117 20.22 -4.55 12.43
C LEU A 117 19.79 -5.57 11.39
N GLU A 118 20.15 -6.82 11.61
CA GLU A 118 19.78 -7.87 10.70
C GLU A 118 18.26 -8.09 10.64
N ASN A 119 17.84 -8.78 9.58
CA ASN A 119 16.45 -9.11 9.30
C ASN A 119 15.62 -9.56 10.51
N LEU A 120 14.72 -8.69 10.98
CA LEU A 120 13.83 -9.01 12.11
C LEU A 120 13.12 -10.37 12.00
N ARG A 121 12.85 -10.82 10.78
CA ARG A 121 12.15 -12.09 10.60
C ARG A 121 12.99 -13.36 10.63
N TYR A 122 14.23 -13.24 11.08
CA TYR A 122 15.06 -14.42 11.21
C TYR A 122 14.57 -15.06 12.53
N HIS A 123 13.83 -14.26 13.31
CA HIS A 123 13.25 -14.66 14.59
C HIS A 123 11.76 -14.90 14.45
N ILE A 124 11.30 -16.07 14.87
CA ILE A 124 9.90 -16.44 14.80
C ILE A 124 9.00 -15.52 15.60
N GLU A 125 9.57 -14.86 16.60
CA GLU A 125 8.79 -14.01 17.48
C GLU A 125 8.43 -12.63 16.95
N GLU A 126 8.95 -12.29 15.78
CA GLU A 126 8.63 -10.99 15.17
C GLU A 126 7.18 -11.06 14.67
N GLU A 127 6.90 -12.08 13.87
CA GLU A 127 5.57 -12.32 13.32
C GLU A 127 4.75 -13.05 14.36
N GLY A 128 5.45 -13.72 15.27
CA GLY A 128 4.79 -14.46 16.32
C GLY A 128 4.45 -15.87 15.91
N SER A 129 4.88 -16.28 14.72
CA SER A 129 4.58 -17.63 14.24
C SER A 129 5.50 -18.04 13.12
N ARG A 130 5.40 -19.30 12.71
CA ARG A 130 6.23 -19.87 11.66
C ARG A 130 5.50 -21.03 10.98
N LYS A 131 5.74 -21.23 9.69
CA LYS A 131 5.10 -22.32 8.95
C LYS A 131 6.07 -23.50 8.93
N VAL A 132 5.60 -24.64 9.44
CA VAL A 132 6.40 -25.86 9.46
C VAL A 132 5.43 -26.92 8.95
N ASP A 133 5.79 -27.52 7.82
CA ASP A 133 4.97 -28.54 7.17
C ASP A 133 3.58 -27.96 6.83
N GLY A 134 3.56 -26.72 6.34
CA GLY A 134 2.31 -26.09 5.99
C GLY A 134 1.51 -25.49 7.13
N GLN A 135 1.67 -26.07 8.33
CA GLN A 135 0.95 -25.59 9.51
C GLN A 135 1.62 -24.42 10.22
N LYS A 136 0.80 -23.63 10.91
CA LYS A 136 1.26 -22.44 11.61
C LYS A 136 1.75 -22.63 13.05
N VAL A 137 3.04 -22.91 13.17
CA VAL A 137 3.69 -23.09 14.46
C VAL A 137 3.84 -21.74 15.18
N LYS A 138 2.97 -21.50 16.15
CA LYS A 138 2.95 -20.27 16.92
C LYS A 138 4.10 -20.23 17.93
N ALA A 139 4.52 -19.03 18.33
CA ALA A 139 5.60 -18.86 19.29
C ALA A 139 5.03 -18.66 20.70
N SER A 140 5.81 -19.04 21.70
CA SER A 140 5.38 -18.92 23.09
C SER A 140 5.37 -17.48 23.61
N LYS A 141 4.27 -17.11 24.27
CA LYS A 141 4.10 -15.77 24.84
C LYS A 141 5.31 -15.24 25.59
N GLU A 142 6.07 -16.13 26.24
CA GLU A 142 7.25 -15.72 26.99
C GLU A 142 8.36 -15.27 26.08
N ASP A 143 8.62 -16.09 25.07
CA ASP A 143 9.65 -15.78 24.09
C ASP A 143 9.31 -14.50 23.35
N VAL A 144 8.03 -14.34 22.99
CA VAL A 144 7.55 -13.14 22.29
C VAL A 144 7.79 -11.92 23.15
N GLN A 145 7.47 -12.00 24.44
CA GLN A 145 7.70 -10.88 25.34
C GLN A 145 9.19 -10.62 25.56
N LYS A 146 9.99 -11.68 25.57
CA LYS A 146 11.43 -11.55 25.76
C LYS A 146 12.02 -10.72 24.61
N PHE A 147 11.73 -11.16 23.38
CA PHE A 147 12.16 -10.47 22.17
C PHE A 147 11.81 -8.96 22.22
N ARG A 148 10.55 -8.63 22.49
CA ARG A 148 10.11 -7.23 22.58
C ARG A 148 10.83 -6.49 23.68
N HIS A 149 11.17 -7.22 24.73
CA HIS A 149 11.88 -6.64 25.85
C HIS A 149 13.29 -6.24 25.38
N GLU A 150 13.98 -7.17 24.73
CA GLU A 150 15.33 -6.93 24.23
C GLU A 150 15.38 -5.81 23.20
N LEU A 151 14.41 -5.82 22.29
CA LEU A 151 14.31 -4.83 21.24
C LEU A 151 14.16 -3.44 21.88
N SER A 152 13.16 -3.28 22.74
CA SER A 152 12.93 -2.01 23.41
C SER A 152 14.14 -1.50 24.20
N SER A 153 14.95 -2.42 24.70
CA SER A 153 16.14 -2.06 25.45
C SER A 153 17.00 -1.04 24.70
N LEU A 154 17.11 -1.26 23.39
CA LEU A 154 17.93 -0.42 22.51
C LEU A 154 17.47 1.00 22.33
N ALA A 155 16.25 1.32 22.75
CA ALA A 155 15.77 2.67 22.50
C ALA A 155 15.10 3.44 23.62
N ASP A 156 15.03 4.75 23.41
CA ASP A 156 14.40 5.70 24.31
C ASP A 156 13.15 6.26 23.58
N VAL A 157 13.22 6.29 22.26
CA VAL A 157 12.14 6.79 21.45
C VAL A 157 11.89 5.78 20.34
N TYR A 158 10.66 5.71 19.85
CA TYR A 158 10.34 4.77 18.79
C TYR A 158 9.63 5.50 17.70
N ILE A 159 10.11 5.33 16.46
CA ILE A 159 9.51 5.95 15.27
C ILE A 159 9.14 4.85 14.29
N ASN A 160 7.92 4.88 13.80
CA ASN A 160 7.48 3.87 12.85
C ASN A 160 7.41 4.53 11.47
N ASP A 161 8.04 3.93 10.46
CA ASP A 161 8.02 4.49 9.13
C ASP A 161 7.70 3.42 8.11
N ALA A 162 7.16 2.32 8.61
CA ALA A 162 6.82 1.19 7.79
C ALA A 162 5.28 0.92 7.69
N PHE A 163 4.57 1.84 7.04
CA PHE A 163 3.12 1.73 6.82
C PHE A 163 2.78 0.36 6.25
N GLY A 164 3.61 -0.12 5.33
CA GLY A 164 3.36 -1.41 4.72
C GLY A 164 3.21 -2.57 5.69
N THR A 165 3.67 -2.40 6.93
CA THR A 165 3.53 -3.50 7.88
C THR A 165 2.58 -3.17 9.04
N ALA A 166 2.15 -1.91 9.09
CA ALA A 166 1.26 -1.41 10.12
C ALA A 166 -0.05 -2.16 10.34
N HIS A 167 -0.39 -3.05 9.41
CA HIS A 167 -1.64 -3.79 9.52
C HIS A 167 -1.44 -5.13 10.22
N ARG A 168 -0.23 -5.39 10.69
CA ARG A 168 0.09 -6.64 11.38
C ARG A 168 0.57 -6.27 12.76
N ALA A 169 0.19 -7.07 13.76
CA ALA A 169 0.60 -6.80 15.12
C ALA A 169 1.88 -7.57 15.41
N HIS A 170 2.92 -7.22 14.65
CA HIS A 170 4.22 -7.86 14.79
C HIS A 170 4.98 -7.19 15.90
N SER A 171 5.96 -7.87 16.45
CA SER A 171 6.68 -7.31 17.56
C SER A 171 7.23 -5.92 17.28
N SER A 172 7.67 -5.66 16.06
CA SER A 172 8.25 -4.33 15.75
C SER A 172 7.26 -3.22 15.54
N MET A 173 5.99 -3.58 15.38
CA MET A 173 4.95 -2.60 15.16
C MET A 173 4.25 -2.24 16.46
N VAL A 174 4.09 -3.24 17.33
CA VAL A 174 3.37 -3.04 18.59
C VAL A 174 4.08 -3.45 19.90
N GLY A 175 5.37 -3.75 19.85
CA GLY A 175 6.07 -4.15 21.06
C GLY A 175 6.93 -3.12 21.78
N PHE A 176 6.80 -1.84 21.44
CA PHE A 176 7.60 -0.80 22.08
C PHE A 176 6.84 0.08 23.07
N ASP A 177 6.83 -0.34 24.33
CA ASP A 177 6.15 0.37 25.42
C ASP A 177 6.76 1.70 25.84
N LEU A 178 7.36 2.44 24.93
CA LEU A 178 7.98 3.71 25.33
C LEU A 178 6.94 4.81 25.43
N PRO A 179 7.23 5.86 26.19
CA PRO A 179 6.27 6.97 26.33
C PRO A 179 5.94 7.67 25.02
N GLN A 180 6.79 7.49 24.02
CA GLN A 180 6.54 8.13 22.73
C GLN A 180 6.84 7.27 21.53
N ARG A 181 5.77 6.87 20.88
CA ARG A 181 5.81 6.06 19.68
C ARG A 181 5.31 7.01 18.62
N ALA A 182 6.23 7.52 17.82
CA ALA A 182 5.90 8.51 16.80
C ALA A 182 5.90 7.99 15.38
N ALA A 183 5.32 8.81 14.51
CA ALA A 183 5.21 8.53 13.10
C ALA A 183 6.31 9.20 12.27
N GLY A 184 6.88 8.44 11.34
CA GLY A 184 7.90 8.97 10.45
C GLY A 184 7.23 9.74 9.33
N PHE A 185 7.97 10.59 8.61
CA PHE A 185 7.41 11.39 7.53
C PHE A 185 6.64 10.56 6.50
N LEU A 186 7.18 9.38 6.21
CA LEU A 186 6.58 8.49 5.25
C LEU A 186 5.16 8.09 5.68
N LEU A 187 5.05 7.38 6.81
CA LEU A 187 3.74 6.93 7.32
C LEU A 187 2.79 8.07 7.69
N GLU A 188 3.34 9.23 8.06
CA GLU A 188 2.51 10.38 8.40
C GLU A 188 1.75 10.84 7.16
N LYS A 189 2.43 10.81 6.03
CA LYS A 189 1.88 11.21 4.75
C LYS A 189 0.66 10.36 4.42
N GLU A 190 0.79 9.05 4.59
CA GLU A 190 -0.31 8.13 4.30
C GLU A 190 -1.47 8.40 5.25
N LEU A 191 -1.14 8.70 6.50
CA LEU A 191 -2.14 8.98 7.52
C LEU A 191 -2.89 10.26 7.24
N LYS A 192 -2.17 11.28 6.79
CA LYS A 192 -2.76 12.58 6.46
C LYS A 192 -3.79 12.48 5.32
N TYR A 193 -3.41 11.79 4.25
CA TYR A 193 -4.29 11.65 3.11
C TYR A 193 -5.46 10.71 3.33
N PHE A 194 -5.18 9.45 3.62
CA PHE A 194 -6.25 8.49 3.87
C PHE A 194 -7.08 8.98 5.04
N GLY A 195 -6.45 9.73 5.94
CA GLY A 195 -7.15 10.26 7.09
C GLY A 195 -8.27 11.15 6.62
N LYS A 196 -7.94 12.18 5.85
CA LYS A 196 -8.95 13.11 5.33
C LYS A 196 -10.01 12.38 4.51
N ALA A 197 -9.58 11.61 3.52
CA ALA A 197 -10.49 10.87 2.65
C ALA A 197 -11.52 10.05 3.41
N LEU A 198 -11.12 9.45 4.54
CA LEU A 198 -12.03 8.61 5.29
C LEU A 198 -12.66 9.28 6.49
N GLU A 199 -12.21 10.47 6.84
CA GLU A 199 -12.78 11.18 7.98
C GLU A 199 -13.62 12.39 7.55
N ASN A 200 -12.95 13.43 7.06
CA ASN A 200 -13.64 14.63 6.61
C ASN A 200 -13.39 14.81 5.11
N PRO A 201 -14.04 13.98 4.28
CA PRO A 201 -13.89 14.04 2.81
C PRO A 201 -14.58 15.26 2.22
N THR A 202 -13.92 15.91 1.28
CA THR A 202 -14.51 17.06 0.64
C THR A 202 -15.39 16.49 -0.48
N ARG A 203 -16.69 16.39 -0.22
CA ARG A 203 -17.64 15.85 -1.20
C ARG A 203 -17.73 16.73 -2.46
N PRO A 204 -18.06 16.14 -3.62
CA PRO A 204 -18.34 14.72 -3.81
C PRO A 204 -17.08 13.87 -3.66
N PHE A 205 -17.22 12.77 -2.93
CA PHE A 205 -16.13 11.86 -2.72
C PHE A 205 -16.36 10.71 -3.71
N LEU A 206 -15.46 10.59 -4.68
CA LEU A 206 -15.56 9.53 -5.70
C LEU A 206 -14.50 8.44 -5.48
N ALA A 207 -14.80 7.22 -5.90
CA ALA A 207 -13.87 6.11 -5.76
C ALA A 207 -13.82 5.35 -7.06
N ILE A 208 -12.65 5.31 -7.71
CA ILE A 208 -12.53 4.54 -8.95
C ILE A 208 -11.95 3.17 -8.59
N LEU A 209 -12.67 2.12 -8.95
CA LEU A 209 -12.21 0.76 -8.70
C LEU A 209 -12.07 0.06 -10.05
N GLY A 210 -11.12 -0.86 -10.17
CA GLY A 210 -10.95 -1.59 -11.42
C GLY A 210 -10.08 -2.81 -11.18
N GLY A 211 -9.52 -3.39 -12.23
CA GLY A 211 -8.66 -4.54 -12.06
C GLY A 211 -9.31 -5.82 -12.50
N ALA A 212 -8.78 -6.94 -12.00
CA ALA A 212 -9.26 -8.26 -12.35
C ALA A 212 -10.45 -8.88 -11.59
N LYS A 213 -10.29 -9.22 -10.32
CA LYS A 213 -11.36 -9.87 -9.56
C LYS A 213 -12.16 -8.98 -8.62
N VAL A 214 -13.46 -9.23 -8.57
CA VAL A 214 -14.36 -8.47 -7.69
C VAL A 214 -14.32 -9.09 -6.29
N ALA A 215 -13.97 -10.38 -6.25
CA ALA A 215 -13.90 -11.15 -5.02
C ALA A 215 -12.92 -10.59 -4.00
N ASP A 216 -11.82 -10.02 -4.48
CA ASP A 216 -10.82 -9.45 -3.59
C ASP A 216 -11.24 -8.09 -3.08
N LYS A 217 -12.21 -7.45 -3.75
CA LYS A 217 -12.62 -6.12 -3.35
C LYS A 217 -14.04 -6.01 -2.81
N ILE A 218 -14.64 -7.13 -2.41
CA ILE A 218 -15.99 -7.12 -1.87
C ILE A 218 -16.07 -6.31 -0.58
N GLN A 219 -15.07 -6.46 0.30
CA GLN A 219 -15.03 -5.75 1.57
C GLN A 219 -14.74 -4.29 1.34
N LEU A 220 -14.06 -4.01 0.24
CA LEU A 220 -13.69 -2.64 -0.10
C LEU A 220 -14.91 -1.83 -0.56
N ILE A 221 -15.73 -2.42 -1.43
CA ILE A 221 -16.92 -1.73 -1.94
C ILE A 221 -17.91 -1.48 -0.80
N ASP A 222 -18.22 -2.54 -0.07
CA ASP A 222 -19.13 -2.51 1.07
C ASP A 222 -18.81 -1.35 2.00
N ASN A 223 -17.57 -1.27 2.46
CA ASN A 223 -17.20 -0.19 3.37
C ASN A 223 -17.32 1.15 2.67
N LEU A 224 -16.70 1.26 1.50
CA LEU A 224 -16.73 2.51 0.76
C LEU A 224 -18.13 3.02 0.51
N LEU A 225 -19.08 2.11 0.36
CA LEU A 225 -20.47 2.50 0.14
C LEU A 225 -21.05 3.33 1.28
N ASP A 226 -20.45 3.23 2.46
CA ASP A 226 -20.91 4.01 3.59
C ASP A 226 -20.19 5.34 3.52
N LYS A 227 -19.20 5.44 2.65
CA LYS A 227 -18.39 6.65 2.51
C LYS A 227 -18.62 7.54 1.30
N VAL A 228 -18.45 6.97 0.11
CA VAL A 228 -18.55 7.72 -1.14
C VAL A 228 -19.91 8.24 -1.60
N ASP A 229 -19.88 9.12 -2.58
CA ASP A 229 -21.07 9.72 -3.16
C ASP A 229 -21.34 8.95 -4.45
N SER A 230 -20.28 8.73 -5.22
CA SER A 230 -20.37 7.96 -6.46
C SER A 230 -19.16 7.05 -6.51
N ILE A 231 -19.28 5.99 -7.27
CA ILE A 231 -18.22 5.03 -7.39
C ILE A 231 -18.25 4.51 -8.83
N ILE A 232 -17.07 4.43 -9.43
CA ILE A 232 -16.90 3.94 -10.80
C ILE A 232 -16.31 2.55 -10.65
N ILE A 233 -16.81 1.60 -11.45
CA ILE A 233 -16.34 0.23 -11.41
C ILE A 233 -15.92 -0.15 -12.84
N GLY A 234 -14.62 -0.19 -13.08
CA GLY A 234 -14.12 -0.53 -14.41
C GLY A 234 -13.30 -1.79 -14.45
N GLY A 235 -12.52 -1.96 -15.51
CA GLY A 235 -11.66 -3.11 -15.63
C GLY A 235 -12.34 -4.45 -15.76
N GLY A 236 -11.61 -5.50 -15.42
CA GLY A 236 -12.15 -6.85 -15.50
C GLY A 236 -13.16 -7.08 -14.41
N MET A 237 -13.30 -6.09 -13.53
CA MET A 237 -14.24 -6.15 -12.43
C MET A 237 -15.68 -5.97 -12.92
N ALA A 238 -15.86 -4.97 -13.78
CA ALA A 238 -17.17 -4.62 -14.33
C ALA A 238 -17.95 -5.73 -15.02
N PHE A 239 -17.27 -6.68 -15.62
CA PHE A 239 -17.96 -7.76 -16.29
C PHE A 239 -18.91 -8.54 -15.39
N THR A 240 -18.57 -8.68 -14.11
CA THR A 240 -19.45 -9.40 -13.18
C THR A 240 -20.69 -8.54 -12.85
N PHE A 241 -20.50 -7.24 -12.61
CA PHE A 241 -21.61 -6.36 -12.30
C PHE A 241 -22.59 -6.23 -13.45
N LYS A 242 -22.08 -6.22 -14.69
CA LYS A 242 -22.93 -6.05 -15.85
C LYS A 242 -23.72 -7.31 -16.23
N LYS A 243 -23.09 -8.45 -16.20
CA LYS A 243 -23.81 -9.68 -16.53
C LYS A 243 -24.91 -9.93 -15.50
N VAL A 244 -24.73 -9.41 -14.29
CA VAL A 244 -25.70 -9.63 -13.22
C VAL A 244 -26.82 -8.62 -13.16
N LEU A 245 -26.46 -7.35 -13.10
CA LEU A 245 -27.44 -6.30 -13.01
C LEU A 245 -28.16 -6.03 -14.34
N GLU A 246 -27.42 -6.13 -15.45
CA GLU A 246 -27.97 -5.84 -16.76
C GLU A 246 -28.05 -7.00 -17.74
N ASN A 247 -27.79 -8.21 -17.27
CA ASN A 247 -27.84 -9.39 -18.12
C ASN A 247 -26.99 -9.23 -19.39
N THR A 248 -25.98 -8.36 -19.32
CA THR A 248 -25.08 -8.12 -20.43
C THR A 248 -24.44 -9.44 -20.84
N GLU A 249 -24.22 -9.60 -22.13
CA GLU A 249 -23.58 -10.80 -22.65
C GLU A 249 -22.10 -10.44 -22.67
N ILE A 250 -21.36 -11.11 -21.80
CA ILE A 250 -19.93 -10.91 -21.70
C ILE A 250 -19.38 -12.14 -22.39
N GLY A 251 -18.25 -12.01 -23.08
CA GLY A 251 -17.73 -13.16 -23.79
C GLY A 251 -16.99 -14.14 -22.92
N ASP A 252 -15.68 -14.09 -23.07
CA ASP A 252 -14.79 -14.94 -22.31
C ASP A 252 -14.09 -14.00 -21.33
N SER A 253 -14.80 -12.94 -20.95
CA SER A 253 -14.27 -11.93 -20.04
C SER A 253 -14.18 -12.43 -18.60
N ILE A 254 -13.52 -11.66 -17.74
CA ILE A 254 -13.37 -12.03 -16.35
C ILE A 254 -14.71 -12.07 -15.63
N PHE A 255 -15.05 -13.22 -15.07
CA PHE A 255 -16.28 -13.39 -14.31
C PHE A 255 -15.93 -14.03 -12.98
N ASP A 256 -16.18 -13.31 -11.90
CA ASP A 256 -15.93 -13.82 -10.56
C ASP A 256 -17.19 -14.51 -10.05
N LYS A 257 -17.25 -15.84 -10.20
CA LYS A 257 -18.42 -16.62 -9.78
C LYS A 257 -18.88 -16.33 -8.37
N ALA A 258 -17.95 -16.36 -7.42
CA ALA A 258 -18.27 -16.09 -6.03
C ALA A 258 -18.66 -14.63 -5.79
N GLY A 259 -18.04 -13.72 -6.54
CA GLY A 259 -18.34 -12.31 -6.40
C GLY A 259 -19.70 -11.96 -6.97
N ALA A 260 -20.23 -12.79 -7.86
CA ALA A 260 -21.53 -12.53 -8.46
C ALA A 260 -22.66 -12.73 -7.44
N GLU A 261 -22.38 -13.52 -6.41
CA GLU A 261 -23.35 -13.79 -5.36
C GLU A 261 -23.66 -12.52 -4.57
N ILE A 262 -22.63 -11.71 -4.35
CA ILE A 262 -22.76 -10.49 -3.55
C ILE A 262 -23.24 -9.25 -4.30
N VAL A 263 -23.04 -9.25 -5.61
CA VAL A 263 -23.42 -8.11 -6.45
C VAL A 263 -24.81 -7.51 -6.17
N PRO A 264 -25.83 -8.35 -5.96
CA PRO A 264 -27.14 -7.78 -5.70
C PRO A 264 -27.11 -7.00 -4.39
N LYS A 265 -26.48 -7.61 -3.40
CA LYS A 265 -26.35 -7.02 -2.06
C LYS A 265 -25.69 -5.63 -2.07
N LEU A 266 -24.49 -5.54 -2.64
CA LEU A 266 -23.77 -4.27 -2.71
C LEU A 266 -24.60 -3.23 -3.45
N MET A 267 -25.30 -3.67 -4.50
CA MET A 267 -26.14 -2.78 -5.29
C MET A 267 -27.34 -2.29 -4.49
N GLU A 268 -27.96 -3.18 -3.73
CA GLU A 268 -29.08 -2.77 -2.89
C GLU A 268 -28.57 -1.66 -1.99
N LYS A 269 -27.42 -1.89 -1.36
CA LYS A 269 -26.81 -0.92 -0.46
C LYS A 269 -26.48 0.39 -1.14
N ALA A 270 -25.89 0.29 -2.34
CA ALA A 270 -25.52 1.46 -3.11
C ALA A 270 -26.77 2.34 -3.24
N LYS A 271 -27.89 1.71 -3.63
CA LYS A 271 -29.16 2.41 -3.77
C LYS A 271 -29.58 2.97 -2.42
N ALA A 272 -29.50 2.13 -1.39
CA ALA A 272 -29.86 2.49 -0.02
C ALA A 272 -29.21 3.77 0.43
N LYS A 273 -27.94 3.92 0.08
CA LYS A 273 -27.15 5.09 0.44
C LYS A 273 -27.25 6.16 -0.63
N GLY A 274 -27.82 5.81 -1.78
CA GLY A 274 -27.92 6.77 -2.86
C GLY A 274 -26.56 7.06 -3.48
N VAL A 275 -25.72 6.03 -3.56
CA VAL A 275 -24.40 6.17 -4.16
C VAL A 275 -24.58 5.94 -5.64
N GLU A 276 -23.95 6.80 -6.45
CA GLU A 276 -24.04 6.70 -7.90
C GLU A 276 -23.00 5.71 -8.44
N VAL A 277 -23.50 4.60 -8.94
CA VAL A 277 -22.67 3.54 -9.49
C VAL A 277 -22.58 3.71 -11.00
N VAL A 278 -21.39 4.06 -11.48
CA VAL A 278 -21.12 4.25 -12.91
C VAL A 278 -20.42 3.00 -13.45
N LEU A 279 -20.96 2.38 -14.49
CA LEU A 279 -20.32 1.19 -15.06
C LEU A 279 -20.01 1.43 -16.55
N PRO A 280 -19.15 0.59 -17.15
CA PRO A 280 -18.77 0.70 -18.56
C PRO A 280 -19.97 0.44 -19.48
N VAL A 281 -20.22 1.37 -20.40
CA VAL A 281 -21.31 1.25 -21.36
C VAL A 281 -20.86 0.54 -22.65
N ASP A 282 -19.55 0.57 -22.91
CA ASP A 282 -18.97 -0.08 -24.08
C ASP A 282 -17.54 -0.52 -23.78
N PHE A 283 -17.06 -1.51 -24.52
CA PHE A 283 -15.71 -2.03 -24.29
C PHE A 283 -15.02 -2.33 -25.62
N ILE A 284 -13.72 -2.52 -25.57
CA ILE A 284 -12.95 -2.87 -26.75
C ILE A 284 -12.70 -4.36 -26.57
N ILE A 285 -13.24 -5.18 -27.46
CA ILE A 285 -13.02 -6.61 -27.34
C ILE A 285 -11.81 -7.06 -28.15
N ALA A 286 -11.32 -8.26 -27.84
CA ALA A 286 -10.19 -8.84 -28.54
C ALA A 286 -10.48 -10.32 -28.63
N ASP A 287 -10.07 -10.94 -29.74
CA ASP A 287 -10.30 -12.37 -29.96
C ASP A 287 -9.33 -13.27 -29.18
N ALA A 288 -8.35 -12.67 -28.53
CA ALA A 288 -7.38 -13.43 -27.75
C ALA A 288 -6.66 -12.48 -26.79
N PHE A 289 -6.22 -13.01 -25.65
CA PHE A 289 -5.52 -12.19 -24.67
C PHE A 289 -4.06 -12.05 -25.10
N SER A 290 -3.80 -11.09 -26.00
CA SER A 290 -2.47 -10.85 -26.52
C SER A 290 -2.41 -9.46 -27.08
N ALA A 291 -1.20 -8.90 -27.15
CA ALA A 291 -1.02 -7.56 -27.70
C ALA A 291 -1.37 -7.60 -29.20
N ASP A 292 -1.19 -8.79 -29.79
CA ASP A 292 -1.49 -9.01 -31.20
C ASP A 292 -2.79 -9.78 -31.33
N ALA A 293 -3.89 -9.10 -31.06
CA ALA A 293 -5.19 -9.73 -31.15
C ALA A 293 -6.10 -8.74 -31.88
N ASN A 294 -7.03 -9.28 -32.63
CA ASN A 294 -7.98 -8.46 -33.38
C ASN A 294 -8.97 -7.81 -32.45
N THR A 295 -9.10 -6.50 -32.57
CA THR A 295 -10.01 -5.74 -31.74
C THR A 295 -11.37 -5.68 -32.43
N LYS A 296 -12.19 -4.74 -31.95
CA LYS A 296 -13.54 -4.47 -32.43
C LYS A 296 -14.30 -3.85 -31.25
N THR A 297 -14.96 -2.73 -31.50
CA THR A 297 -15.75 -2.09 -30.47
C THR A 297 -17.13 -2.73 -30.52
N VAL A 298 -17.78 -2.80 -29.37
CA VAL A 298 -19.12 -3.34 -29.24
C VAL A 298 -19.68 -2.56 -28.09
N THR A 299 -20.94 -2.76 -27.76
CA THR A 299 -21.49 -2.00 -26.67
C THR A 299 -22.25 -2.85 -25.68
N ASP A 300 -22.82 -2.13 -24.74
CA ASP A 300 -23.68 -2.62 -23.68
C ASP A 300 -24.67 -3.62 -24.30
N LYS A 301 -25.46 -3.10 -25.24
CA LYS A 301 -26.51 -3.83 -25.92
C LYS A 301 -26.08 -4.89 -26.92
N GLU A 302 -25.03 -4.61 -27.67
CA GLU A 302 -24.55 -5.58 -28.66
C GLU A 302 -23.98 -6.80 -27.96
N GLY A 303 -23.30 -6.55 -26.84
CA GLY A 303 -22.72 -7.64 -26.07
C GLY A 303 -21.40 -8.07 -26.62
N ILE A 304 -20.84 -9.15 -26.07
CA ILE A 304 -19.56 -9.68 -26.50
C ILE A 304 -19.72 -11.11 -26.97
N PRO A 305 -19.31 -11.38 -28.21
CA PRO A 305 -19.40 -12.71 -28.83
C PRO A 305 -18.57 -13.74 -28.08
N ALA A 306 -18.96 -15.00 -28.16
CA ALA A 306 -18.22 -16.06 -27.52
C ALA A 306 -16.84 -16.11 -28.15
N GLY A 307 -15.83 -16.41 -27.35
CA GLY A 307 -14.46 -16.45 -27.84
C GLY A 307 -13.80 -15.13 -27.53
N TRP A 308 -14.46 -14.04 -27.88
CA TRP A 308 -13.95 -12.69 -27.64
C TRP A 308 -14.00 -12.30 -26.16
N GLN A 309 -13.24 -11.27 -25.81
CA GLN A 309 -13.20 -10.80 -24.42
C GLN A 309 -12.80 -9.34 -24.39
N GLY A 310 -13.50 -8.56 -23.58
CA GLY A 310 -13.20 -7.15 -23.48
C GLY A 310 -11.94 -6.90 -22.68
N LEU A 311 -11.00 -6.16 -23.26
CA LEU A 311 -9.76 -5.89 -22.58
C LEU A 311 -9.53 -4.44 -22.26
N ASP A 312 -10.48 -3.58 -22.61
CA ASP A 312 -10.35 -2.15 -22.32
C ASP A 312 -11.69 -1.43 -22.43
N ASN A 313 -11.70 -0.23 -21.88
CA ASN A 313 -12.82 0.68 -21.83
C ASN A 313 -13.15 1.21 -23.22
N GLY A 314 -14.42 1.14 -23.62
CA GLY A 314 -14.79 1.67 -24.92
C GLY A 314 -14.83 3.20 -24.90
N PRO A 315 -15.05 3.85 -26.07
CA PRO A 315 -15.13 5.31 -26.24
C PRO A 315 -16.22 6.04 -25.43
N GLU A 316 -17.41 5.47 -25.39
CA GLU A 316 -18.50 6.09 -24.63
C GLU A 316 -18.22 6.03 -23.14
N SER A 317 -17.71 4.90 -22.68
CA SER A 317 -17.40 4.75 -21.27
C SER A 317 -16.39 5.79 -20.86
N ARG A 318 -15.36 6.00 -21.70
CA ARG A 318 -14.34 7.01 -21.40
C ARG A 318 -14.99 8.37 -21.20
N LYS A 319 -15.98 8.69 -22.04
CA LYS A 319 -16.70 9.96 -21.92
C LYS A 319 -17.44 9.97 -20.58
N LEU A 320 -18.08 8.84 -20.29
CA LEU A 320 -18.82 8.69 -19.05
C LEU A 320 -17.94 8.80 -17.80
N PHE A 321 -16.78 8.16 -17.80
CA PHE A 321 -15.89 8.20 -16.64
C PHE A 321 -15.26 9.55 -16.49
N ALA A 322 -14.97 10.20 -17.61
CA ALA A 322 -14.34 11.51 -17.60
C ALA A 322 -15.26 12.52 -16.92
N ALA A 323 -16.55 12.36 -17.16
CA ALA A 323 -17.54 13.23 -16.57
C ALA A 323 -17.55 13.08 -15.05
N THR A 324 -17.73 11.83 -14.60
CA THR A 324 -17.79 11.49 -13.19
C THR A 324 -16.57 12.03 -12.42
N VAL A 325 -15.39 11.78 -12.96
CA VAL A 325 -14.16 12.26 -12.33
C VAL A 325 -14.26 13.77 -12.16
N ALA A 326 -14.56 14.45 -13.26
CA ALA A 326 -14.66 15.91 -13.28
C ALA A 326 -15.66 16.55 -12.30
N LYS A 327 -16.47 15.75 -11.62
CA LYS A 327 -17.45 16.30 -10.68
C LYS A 327 -17.02 16.14 -9.20
N ALA A 328 -15.98 15.35 -8.98
CA ALA A 328 -15.48 15.07 -7.63
C ALA A 328 -14.45 16.04 -7.03
N LYS A 329 -14.47 16.13 -5.70
CA LYS A 329 -13.53 16.98 -4.94
C LYS A 329 -12.49 16.11 -4.20
N THR A 330 -12.79 14.82 -4.04
CA THR A 330 -11.89 13.86 -3.41
C THR A 330 -12.00 12.58 -4.21
N ILE A 331 -10.86 12.07 -4.63
CA ILE A 331 -10.83 10.86 -5.43
C ILE A 331 -9.83 9.86 -4.88
N VAL A 332 -10.24 8.59 -4.75
CA VAL A 332 -9.36 7.51 -4.28
C VAL A 332 -9.49 6.49 -5.39
N TRP A 333 -8.38 6.20 -6.05
CA TRP A 333 -8.38 5.30 -7.20
C TRP A 333 -7.51 4.05 -6.99
N ASN A 334 -8.06 2.88 -7.30
CA ASN A 334 -7.34 1.63 -7.18
C ASN A 334 -7.84 0.68 -8.27
N GLY A 335 -6.95 0.37 -9.22
CA GLY A 335 -7.28 -0.53 -10.32
C GLY A 335 -7.39 0.14 -11.69
N PRO A 336 -6.68 -0.38 -12.71
CA PRO A 336 -6.71 0.16 -14.08
C PRO A 336 -8.01 -0.25 -14.82
N PRO A 337 -8.58 0.64 -15.65
CA PRO A 337 -9.82 0.34 -16.40
C PRO A 337 -9.66 -0.70 -17.50
N GLY A 338 -8.41 -1.03 -17.87
CA GLY A 338 -8.17 -2.02 -18.91
C GLY A 338 -6.77 -2.60 -18.88
N VAL A 339 -6.54 -3.64 -19.67
CA VAL A 339 -5.23 -4.31 -19.77
C VAL A 339 -4.24 -3.33 -20.41
N PHE A 340 -3.76 -2.38 -19.60
CA PHE A 340 -2.85 -1.35 -20.07
C PHE A 340 -1.44 -1.81 -20.44
N GLU A 341 -1.10 -3.06 -20.10
CA GLU A 341 0.22 -3.62 -20.42
C GLU A 341 0.42 -3.67 -21.93
N PHE A 342 -0.68 -3.76 -22.67
CA PHE A 342 -0.67 -3.81 -24.13
C PHE A 342 -1.13 -2.47 -24.66
N GLU A 343 -0.37 -1.93 -25.60
CA GLU A 343 -0.69 -0.63 -26.18
C GLU A 343 -2.07 -0.53 -26.81
N LYS A 344 -2.53 -1.61 -27.44
CA LYS A 344 -3.85 -1.64 -28.08
C LYS A 344 -4.96 -1.51 -27.04
N PHE A 345 -4.69 -1.98 -25.83
CA PHE A 345 -5.66 -1.96 -24.74
C PHE A 345 -5.26 -1.02 -23.61
N ALA A 346 -4.57 0.07 -23.97
CA ALA A 346 -4.11 1.05 -23.00
C ALA A 346 -4.88 2.37 -23.01
N ALA A 347 -5.74 2.56 -24.02
CA ALA A 347 -6.51 3.79 -24.17
C ALA A 347 -7.36 4.21 -22.96
N GLY A 348 -8.18 3.29 -22.46
CA GLY A 348 -9.01 3.61 -21.31
C GLY A 348 -8.18 4.14 -20.15
N THR A 349 -7.15 3.39 -19.78
CA THR A 349 -6.27 3.76 -18.68
C THR A 349 -5.67 5.14 -18.85
N LYS A 350 -5.17 5.42 -20.05
CA LYS A 350 -4.57 6.71 -20.35
C LYS A 350 -5.60 7.83 -20.21
N ALA A 351 -6.74 7.66 -20.87
CA ALA A 351 -7.84 8.65 -20.83
C ALA A 351 -8.17 9.01 -19.38
N LEU A 352 -8.39 7.97 -18.57
CA LEU A 352 -8.72 8.14 -17.16
C LEU A 352 -7.60 8.84 -16.42
N LEU A 353 -6.37 8.37 -16.63
CA LEU A 353 -5.19 8.94 -15.98
C LEU A 353 -5.12 10.45 -16.20
N ASP A 354 -5.34 10.88 -17.43
CA ASP A 354 -5.28 12.31 -17.77
C ASP A 354 -6.32 13.10 -17.00
N GLU A 355 -7.52 12.56 -16.93
CA GLU A 355 -8.62 13.20 -16.23
C GLU A 355 -8.32 13.39 -14.75
N VAL A 356 -7.81 12.33 -14.12
CA VAL A 356 -7.47 12.33 -12.69
C VAL A 356 -6.41 13.39 -12.44
N VAL A 357 -5.36 13.36 -13.26
CA VAL A 357 -4.28 14.34 -13.16
C VAL A 357 -4.84 15.76 -13.28
N LYS A 358 -5.70 15.98 -14.27
CA LYS A 358 -6.32 17.30 -14.46
C LYS A 358 -7.08 17.69 -13.21
N SER A 359 -7.70 16.72 -12.55
CA SER A 359 -8.44 16.95 -11.32
C SER A 359 -7.46 17.35 -10.21
N SER A 360 -6.26 16.77 -10.27
CA SER A 360 -5.22 17.07 -9.29
C SER A 360 -4.74 18.50 -9.58
N ALA A 361 -4.65 18.82 -10.87
CA ALA A 361 -4.24 20.14 -11.33
C ALA A 361 -5.22 21.18 -10.81
N ALA A 362 -6.49 20.81 -10.82
CA ALA A 362 -7.54 21.69 -10.35
C ALA A 362 -7.34 21.96 -8.87
N GLY A 363 -6.64 21.06 -8.20
CA GLY A 363 -6.38 21.24 -6.79
C GLY A 363 -7.25 20.31 -5.97
N ASN A 364 -7.61 19.19 -6.57
CA ASN A 364 -8.44 18.21 -5.88
C ASN A 364 -7.57 17.10 -5.36
N THR A 365 -7.98 16.52 -4.24
CA THR A 365 -7.24 15.44 -3.61
C THR A 365 -7.40 14.13 -4.37
N VAL A 366 -6.33 13.74 -5.06
CA VAL A 366 -6.35 12.48 -5.80
C VAL A 366 -5.40 11.54 -5.05
N ILE A 367 -5.93 10.38 -4.68
CA ILE A 367 -5.20 9.36 -3.93
C ILE A 367 -5.11 8.04 -4.69
N ILE A 368 -3.91 7.70 -5.16
CA ILE A 368 -3.70 6.45 -5.86
C ILE A 368 -3.32 5.40 -4.81
N GLY A 369 -3.98 4.26 -4.86
CA GLY A 369 -3.68 3.22 -3.91
C GLY A 369 -3.81 1.87 -4.56
N GLY A 370 -2.95 1.61 -5.53
CA GLY A 370 -2.95 0.34 -6.22
C GLY A 370 -1.56 0.04 -6.70
N GLY A 371 -1.21 -1.23 -6.84
CA GLY A 371 0.11 -1.58 -7.31
C GLY A 371 0.30 -1.09 -8.73
N ASP A 372 -0.44 -1.69 -9.66
CA ASP A 372 -0.38 -1.34 -11.07
C ASP A 372 -0.91 0.07 -11.32
N THR A 373 -1.77 0.56 -10.43
CA THR A 373 -2.29 1.91 -10.57
C THR A 373 -1.19 2.95 -10.34
N ALA A 374 -0.17 2.58 -9.56
CA ALA A 374 0.96 3.47 -9.32
C ALA A 374 1.93 3.34 -10.50
N THR A 375 2.11 2.11 -10.98
CA THR A 375 2.94 1.83 -12.15
C THR A 375 2.44 2.62 -13.35
N VAL A 376 1.12 2.73 -13.47
CA VAL A 376 0.52 3.51 -14.55
C VAL A 376 1.01 4.96 -14.45
N ALA A 377 0.89 5.54 -13.27
CA ALA A 377 1.32 6.91 -13.03
C ALA A 377 2.81 7.09 -13.30
N LYS A 378 3.61 6.10 -12.95
CA LYS A 378 5.05 6.15 -13.17
C LYS A 378 5.36 6.09 -14.67
N LYS A 379 4.70 5.18 -15.38
CA LYS A 379 4.90 5.02 -16.81
C LYS A 379 4.62 6.28 -17.60
N TYR A 380 3.53 6.97 -17.27
CA TYR A 380 3.19 8.21 -17.97
C TYR A 380 3.83 9.41 -17.29
N GLY A 381 4.80 9.13 -16.42
CA GLY A 381 5.54 10.17 -15.70
C GLY A 381 4.72 11.23 -14.99
N VAL A 382 3.49 10.91 -14.61
CA VAL A 382 2.62 11.87 -13.95
C VAL A 382 2.59 11.73 -12.44
N THR A 383 3.39 10.82 -11.91
CA THR A 383 3.43 10.56 -10.48
C THR A 383 3.45 11.81 -9.61
N ASP A 384 4.27 12.79 -10.00
CA ASP A 384 4.40 14.04 -9.25
C ASP A 384 3.14 14.89 -9.33
N LYS A 385 2.22 14.53 -10.22
CA LYS A 385 0.95 15.25 -10.40
C LYS A 385 -0.16 14.75 -9.47
N ILE A 386 -0.06 13.49 -9.04
CA ILE A 386 -1.06 12.88 -8.16
C ILE A 386 -0.79 13.30 -6.72
N SER A 387 -1.82 13.75 -6.00
CA SER A 387 -1.67 14.19 -4.61
C SER A 387 -0.99 13.19 -3.65
N HIS A 388 -1.22 11.90 -3.89
CA HIS A 388 -0.63 10.89 -3.03
C HIS A 388 -0.69 9.51 -3.67
N VAL A 389 0.48 8.92 -3.89
CA VAL A 389 0.55 7.56 -4.43
C VAL A 389 0.98 6.72 -3.23
N SER A 390 0.06 5.93 -2.68
CA SER A 390 0.36 5.12 -1.51
C SER A 390 1.32 3.98 -1.78
N THR A 391 2.06 3.62 -0.73
CA THR A 391 3.04 2.54 -0.75
C THR A 391 2.67 1.46 0.27
N GLY A 392 1.48 1.59 0.84
CA GLY A 392 1.03 0.66 1.86
C GLY A 392 0.66 -0.73 1.42
N GLY A 393 0.37 -0.91 0.14
CA GLY A 393 -0.01 -2.23 -0.34
C GLY A 393 -1.17 -2.82 0.45
N GLY A 394 -0.92 -3.93 1.12
CA GLY A 394 -1.95 -4.60 1.91
C GLY A 394 -2.50 -3.76 3.04
N ALA A 395 -1.68 -2.88 3.58
CA ALA A 395 -2.14 -2.04 4.67
C ALA A 395 -3.14 -1.04 4.12
N SER A 396 -2.87 -0.49 2.92
CA SER A 396 -3.78 0.48 2.29
C SER A 396 -5.17 -0.10 2.10
N LEU A 397 -5.22 -1.31 1.57
CA LEU A 397 -6.48 -2.00 1.31
C LEU A 397 -7.27 -2.14 2.61
N GLU A 398 -6.65 -2.81 3.59
CA GLU A 398 -7.27 -3.03 4.89
C GLU A 398 -7.81 -1.76 5.49
N LEU A 399 -7.08 -0.67 5.30
CA LEU A 399 -7.48 0.63 5.81
C LEU A 399 -8.76 1.04 5.10
N LEU A 400 -8.76 0.88 3.78
CA LEU A 400 -9.93 1.26 2.99
C LEU A 400 -11.13 0.36 3.23
N GLU A 401 -10.89 -0.89 3.57
CA GLU A 401 -12.02 -1.77 3.84
C GLU A 401 -12.56 -1.75 5.29
N GLY A 402 -12.27 -0.68 6.03
CA GLY A 402 -12.78 -0.57 7.38
C GLY A 402 -11.82 -0.83 8.51
N LYS A 403 -11.11 -1.96 8.47
CA LYS A 403 -10.16 -2.37 9.50
C LYS A 403 -9.33 -1.30 10.23
N GLU A 404 -8.99 -1.61 11.48
CA GLU A 404 -8.18 -0.72 12.32
C GLU A 404 -6.77 -1.33 12.33
N LEU A 405 -5.77 -0.51 12.01
CA LEU A 405 -4.39 -0.95 11.94
C LEU A 405 -3.59 -0.89 13.24
N PRO A 406 -3.20 -2.07 13.77
CA PRO A 406 -2.43 -2.19 15.02
C PRO A 406 -1.28 -1.21 15.08
N GLY A 407 -0.41 -1.25 14.07
CA GLY A 407 0.73 -0.36 14.04
C GLY A 407 0.31 1.08 14.19
N VAL A 408 -0.86 1.43 13.67
CA VAL A 408 -1.31 2.81 13.77
C VAL A 408 -1.92 3.08 15.14
N ALA A 409 -2.72 2.15 15.63
CA ALA A 409 -3.41 2.30 16.91
C ALA A 409 -2.42 2.52 18.04
N PHE A 410 -1.32 1.78 17.96
CA PHE A 410 -0.26 1.83 18.96
C PHE A 410 0.46 3.16 19.09
N LEU A 411 0.37 4.03 18.09
CA LEU A 411 1.07 5.31 18.17
C LEU A 411 0.48 6.26 19.20
N SER A 412 1.29 7.20 19.66
CA SER A 412 0.87 8.18 20.63
C SER A 412 0.07 9.30 19.95
N GLU A 413 -0.59 10.13 20.74
CA GLU A 413 -1.37 11.23 20.21
C GLU A 413 -0.49 12.47 20.12
N LYS A 414 -0.84 13.40 19.26
CA LYS A 414 -0.04 14.62 19.07
C LYS A 414 0.10 15.45 20.35
N LYS A 415 1.22 15.25 21.05
CA LYS A 415 1.51 15.98 22.28
C LYS A 415 2.77 15.41 22.94
#